data_3M19
#
_entry.id   3M19
#
_cell.length_a   50.333
_cell.length_b   77.053
_cell.length_c   65.392
_cell.angle_alpha   90.00
_cell.angle_beta   112.04
_cell.angle_gamma   90.00
#
_symmetry.space_group_name_H-M   'P 1 21 1'
#
loop_
_entity.id
_entity.type
_entity.pdbx_description
1 polymer 'Variable lymphocyte receptor A diversity region'
2 water water
#
_entity_poly.entity_id   1
_entity_poly.type   'polypeptide(L)'
_entity_poly.pdbx_seq_one_letter_code
;MKTCETVTGCTCNEGKKEVDCQGKSLDSVPSGIPADTEKLDLQSTGLATLSDATFRGLTKLTWLNLDYNQLQTLSAGVFD
DLTELGTLGLANNQLASLPLGVFDHLTQLDKLYLGGNQLKSLPSGVFDRLTKLKELRLNTNQLQSIPAGAFDKLTNLQTL
SLSTNQLQSVPHGAFDRLGKLQTITLFGNQFDCSRCEILYLSQWIRENSNKVKDGTGQNLHESPDGVTCSDGKVVRTVTN
ETLKYECPFVE
;
_entity_poly.pdbx_strand_id   A,B
#
# COMPACT_ATOMS: atom_id res chain seq x y z
N CYS A 4 35.08 -9.76 17.70
CA CYS A 4 33.70 -9.81 17.11
C CYS A 4 33.60 -8.85 15.94
N GLU A 5 33.99 -7.60 16.20
CA GLU A 5 33.88 -6.53 15.23
C GLU A 5 34.76 -6.79 14.01
N THR A 6 35.94 -7.40 14.23
CA THR A 6 36.84 -7.72 13.12
C THR A 6 36.41 -9.01 12.41
N VAL A 7 35.86 -9.96 13.17
CA VAL A 7 35.43 -11.26 12.64
C VAL A 7 34.12 -11.15 11.84
N THR A 8 33.20 -10.30 12.31
CA THR A 8 31.89 -10.17 11.66
C THR A 8 31.86 -9.12 10.55
N GLY A 9 32.68 -8.09 10.67
CA GLY A 9 32.61 -6.92 9.82
C GLY A 9 31.55 -5.91 10.26
N CYS A 10 30.86 -6.20 11.36
CA CYS A 10 29.71 -5.40 11.80
C CYS A 10 30.09 -4.72 13.10
N THR A 11 29.15 -4.00 13.68
CA THR A 11 29.31 -3.40 14.99
C THR A 11 28.81 -4.36 16.07
N CYS A 12 29.65 -4.66 17.05
CA CYS A 12 29.30 -5.51 18.17
C CYS A 12 29.17 -4.70 19.45
N ASN A 13 28.07 -4.90 20.17
CA ASN A 13 27.84 -4.23 21.43
C ASN A 13 27.56 -5.29 22.51
N GLU A 14 28.57 -5.65 23.28
CA GLU A 14 28.42 -6.72 24.27
C GLU A 14 27.37 -6.42 25.34
N GLY A 15 27.30 -5.15 25.75
CA GLY A 15 26.33 -4.69 26.77
C GLY A 15 24.89 -4.94 26.33
N LYS A 16 24.65 -4.85 25.02
CA LYS A 16 23.31 -5.07 24.47
C LYS A 16 23.16 -6.44 23.84
N LYS A 17 24.21 -7.26 23.89
CA LYS A 17 24.21 -8.56 23.20
C LYS A 17 23.71 -8.39 21.78
N GLU A 18 24.29 -7.39 21.12
CA GLU A 18 23.86 -7.01 19.79
C GLU A 18 24.98 -7.16 18.79
N VAL A 19 24.65 -7.72 17.63
CA VAL A 19 25.51 -7.61 16.46
C VAL A 19 24.75 -6.83 15.38
N ASP A 20 25.26 -5.65 15.02
CA ASP A 20 24.50 -4.76 14.11
C ASP A 20 25.25 -4.62 12.81
N CYS A 21 24.75 -5.26 11.76
CA CYS A 21 25.35 -5.20 10.43
C CYS A 21 24.54 -4.31 9.49
N GLN A 22 23.59 -3.52 10.01
CA GLN A 22 22.61 -2.82 9.19
C GLN A 22 23.35 -1.99 8.13
N GLY A 23 22.97 -2.15 6.88
CA GLY A 23 23.49 -1.30 5.82
C GLY A 23 24.87 -1.66 5.33
N LYS A 24 25.48 -2.70 5.92
CA LYS A 24 26.79 -3.18 5.48
C LYS A 24 26.66 -4.31 4.47
N SER A 25 27.39 -4.21 3.36
CA SER A 25 27.38 -5.26 2.36
C SER A 25 27.90 -6.59 2.90
N LEU A 26 27.10 -7.67 2.75
CA LEU A 26 27.54 -9.01 3.17
C LEU A 26 27.37 -10.01 2.00
N ASP A 27 28.32 -10.93 1.80
CA ASP A 27 28.09 -12.00 0.78
C ASP A 27 27.36 -13.18 1.44
N SER A 28 27.42 -13.20 2.76
CA SER A 28 26.73 -14.22 3.56
C SER A 28 26.69 -13.72 4.99
N VAL A 29 25.84 -14.33 5.82
CA VAL A 29 25.82 -13.92 7.22
C VAL A 29 27.18 -14.23 7.78
N PRO A 30 27.77 -13.29 8.54
CA PRO A 30 29.14 -13.50 9.00
C PRO A 30 29.26 -14.62 10.04
N SER A 31 30.47 -15.14 10.13
CA SER A 31 30.84 -16.06 11.19
C SER A 31 31.21 -15.20 12.39
N GLY A 32 31.33 -15.84 13.56
CA GLY A 32 31.82 -15.13 14.73
C GLY A 32 30.75 -14.40 15.52
N ILE A 33 29.49 -14.62 15.15
CA ILE A 33 28.37 -14.06 15.94
C ILE A 33 28.40 -14.76 17.31
N PRO A 34 28.51 -13.98 18.40
CA PRO A 34 28.59 -14.67 19.69
C PRO A 34 27.34 -15.51 20.01
N ALA A 35 27.56 -16.68 20.61
CA ALA A 35 26.45 -17.58 20.89
C ALA A 35 25.39 -16.96 21.79
N ASP A 36 25.78 -15.98 22.62
CA ASP A 36 24.84 -15.28 23.50
C ASP A 36 24.13 -14.05 22.91
N THR A 37 24.22 -13.91 21.58
CA THR A 37 23.65 -12.70 20.91
C THR A 37 22.11 -12.72 21.03
N GLU A 38 21.53 -11.56 21.35
CA GLU A 38 20.06 -11.36 21.48
C GLU A 38 19.45 -10.63 20.30
N LYS A 39 20.25 -9.74 19.71
CA LYS A 39 19.72 -8.84 18.68
C LYS A 39 20.67 -8.88 17.50
N LEU A 40 20.17 -9.31 16.34
CA LEU A 40 21.03 -9.45 15.16
C LEU A 40 20.38 -8.66 14.02
N ASP A 41 21.05 -7.57 13.63
CA ASP A 41 20.50 -6.68 12.60
C ASP A 41 21.22 -6.92 11.27
N LEU A 42 20.50 -7.53 10.34
CA LEU A 42 21.01 -7.92 9.02
C LEU A 42 20.23 -7.22 7.90
N GLN A 43 19.58 -6.10 8.25
CA GLN A 43 18.75 -5.37 7.30
C GLN A 43 19.66 -4.68 6.28
N SER A 44 19.26 -4.71 5.00
CA SER A 44 19.97 -3.99 3.94
C SER A 44 21.42 -4.43 3.86
N THR A 45 21.66 -5.73 3.77
CA THR A 45 23.03 -6.22 3.73
C THR A 45 23.31 -6.90 2.40
N GLY A 46 22.27 -6.96 1.56
CA GLY A 46 22.37 -7.65 0.27
C GLY A 46 22.36 -9.18 0.27
N LEU A 47 21.89 -9.81 1.37
CA LEU A 47 21.87 -11.27 1.46
C LEU A 47 20.92 -11.87 0.43
N ALA A 48 21.33 -12.95 -0.22
CA ALA A 48 20.46 -13.60 -1.22
C ALA A 48 20.06 -15.03 -0.87
N THR A 49 20.81 -15.66 0.01
CA THR A 49 20.49 -17.02 0.45
C THR A 49 20.86 -17.17 1.90
N LEU A 50 20.21 -18.14 2.53
CA LEU A 50 20.52 -18.60 3.88
C LEU A 50 20.48 -20.12 3.92
N SER A 51 21.21 -20.70 4.84
CA SER A 51 21.22 -22.16 4.94
C SER A 51 20.76 -22.60 6.31
N ASP A 52 20.55 -23.90 6.46
CA ASP A 52 20.31 -24.48 7.77
C ASP A 52 21.42 -24.27 8.78
N ALA A 53 22.57 -23.83 8.31
CA ALA A 53 23.74 -23.58 9.17
C ALA A 53 23.85 -22.14 9.68
N THR A 54 23.16 -21.23 8.99
CA THR A 54 23.41 -19.79 9.12
C THR A 54 23.33 -19.29 10.54
N PHE A 55 22.25 -19.70 11.23
CA PHE A 55 21.99 -19.22 12.59
C PHE A 55 22.24 -20.30 13.64
N ARG A 56 23.10 -21.27 13.32
CA ARG A 56 23.31 -22.38 14.23
C ARG A 56 23.67 -21.90 15.62
N GLY A 57 23.00 -22.43 16.63
CA GLY A 57 23.41 -22.25 17.98
C GLY A 57 22.99 -20.95 18.63
N LEU A 58 22.15 -20.14 17.95
CA LEU A 58 21.79 -18.80 18.48
C LEU A 58 20.56 -18.90 19.32
N THR A 59 20.66 -19.70 20.38
CA THR A 59 19.52 -20.02 21.22
C THR A 59 19.04 -18.87 22.09
N LYS A 60 19.82 -17.79 22.16
CA LYS A 60 19.45 -16.61 22.94
C LYS A 60 18.84 -15.48 22.11
N LEU A 61 18.76 -15.71 20.80
CA LEU A 61 18.42 -14.61 19.90
C LEU A 61 16.93 -14.27 20.05
N THR A 62 16.65 -12.97 20.26
CA THR A 62 15.25 -12.52 20.37
C THR A 62 14.72 -11.66 19.21
N TRP A 63 15.65 -11.08 18.46
CA TRP A 63 15.30 -10.07 17.42
C TRP A 63 16.26 -10.29 16.25
N LEU A 64 15.64 -10.63 15.11
CA LEU A 64 16.39 -10.90 13.88
C LEU A 64 15.73 -10.09 12.77
N ASN A 65 16.52 -9.26 12.12
CA ASN A 65 15.97 -8.39 11.06
C ASN A 65 16.71 -8.70 9.77
N LEU A 66 15.99 -9.27 8.82
CA LEU A 66 16.53 -9.62 7.52
C LEU A 66 15.83 -8.79 6.44
N ASP A 67 15.24 -7.66 6.85
CA ASP A 67 14.46 -6.77 5.93
C ASP A 67 15.38 -6.21 4.82
N TYR A 68 14.77 -5.98 3.66
CA TYR A 68 15.46 -5.28 2.53
C TYR A 68 16.69 -6.00 1.99
N ASN A 69 16.63 -7.32 1.91
CA ASN A 69 17.68 -8.15 1.31
C ASN A 69 17.11 -8.74 0.04
N GLN A 70 17.70 -9.79 -0.51
CA GLN A 70 17.20 -10.37 -1.79
C GLN A 70 16.89 -11.85 -1.67
N LEU A 71 16.36 -12.24 -0.50
CA LEU A 71 16.06 -13.62 -0.25
C LEU A 71 14.90 -14.04 -1.14
N GLN A 72 15.02 -15.20 -1.82
CA GLN A 72 13.90 -15.76 -2.61
C GLN A 72 13.35 -17.02 -2.00
N THR A 73 14.20 -17.73 -1.27
CA THR A 73 13.90 -19.08 -0.84
C THR A 73 14.50 -19.23 0.55
N LEU A 74 13.81 -19.91 1.42
CA LEU A 74 14.36 -20.18 2.74
C LEU A 74 14.58 -21.65 2.82
N SER A 75 15.73 -22.06 3.34
CA SER A 75 15.89 -23.46 3.65
C SER A 75 14.88 -23.72 4.76
N ALA A 76 14.34 -24.93 4.78
CA ALA A 76 13.27 -25.25 5.73
C ALA A 76 13.66 -25.27 7.23
N GLY A 77 14.94 -25.46 7.51
CA GLY A 77 15.42 -25.53 8.88
C GLY A 77 16.13 -24.25 9.29
N VAL A 78 15.98 -23.20 8.50
CA VAL A 78 16.80 -21.99 8.64
C VAL A 78 16.68 -21.35 10.01
N PHE A 79 15.47 -21.38 10.59
CA PHE A 79 15.28 -20.74 11.91
C PHE A 79 15.14 -21.71 13.04
N ASP A 80 15.50 -22.98 12.82
CA ASP A 80 15.13 -24.01 13.79
C ASP A 80 15.80 -23.85 15.18
N ASP A 81 16.96 -23.21 15.22
CA ASP A 81 17.63 -23.04 16.51
C ASP A 81 17.14 -21.81 17.30
N LEU A 82 16.31 -20.98 16.66
CA LEU A 82 16.00 -19.63 17.16
C LEU A 82 14.76 -19.66 18.05
N THR A 83 14.77 -20.59 19.02
CA THR A 83 13.56 -20.85 19.80
C THR A 83 13.12 -19.67 20.71
N GLU A 84 14.03 -18.75 20.99
CA GLU A 84 13.68 -17.58 21.82
C GLU A 84 13.25 -16.35 20.99
N LEU A 85 13.07 -16.54 19.70
CA LEU A 85 12.87 -15.37 18.84
C LEU A 85 11.51 -14.72 19.09
N GLY A 86 11.54 -13.39 19.23
CA GLY A 86 10.34 -12.61 19.42
C GLY A 86 9.91 -11.74 18.23
N THR A 87 10.88 -11.25 17.45
CA THR A 87 10.63 -10.40 16.26
C THR A 87 11.43 -11.01 15.09
N LEU A 88 10.73 -11.28 13.99
CA LEU A 88 11.39 -11.73 12.78
C LEU A 88 11.01 -10.81 11.62
N GLY A 89 12.01 -10.08 11.12
CA GLY A 89 11.81 -9.14 10.01
C GLY A 89 12.22 -9.79 8.70
N LEU A 90 11.24 -10.01 7.84
CA LEU A 90 11.54 -10.64 6.56
C LEU A 90 10.95 -9.82 5.42
N ALA A 91 10.65 -8.56 5.70
CA ALA A 91 9.90 -7.68 4.81
C ALA A 91 10.81 -7.24 3.68
N ASN A 92 10.22 -7.11 2.49
CA ASN A 92 10.95 -6.47 1.37
C ASN A 92 12.12 -7.31 0.94
N ASN A 93 11.88 -8.60 0.82
CA ASN A 93 12.79 -9.51 0.18
C ASN A 93 12.12 -9.92 -1.12
N GLN A 94 12.47 -11.06 -1.66
CA GLN A 94 11.85 -11.54 -2.92
C GLN A 94 11.27 -12.94 -2.70
N LEU A 95 10.78 -13.17 -1.47
CA LEU A 95 10.32 -14.47 -1.10
C LEU A 95 9.21 -15.00 -2.01
N ALA A 96 9.47 -16.15 -2.64
CA ALA A 96 8.49 -16.70 -3.63
C ALA A 96 7.57 -17.77 -3.04
N SER A 97 7.93 -18.28 -1.86
CA SER A 97 7.21 -19.32 -1.17
C SER A 97 7.80 -19.45 0.22
N LEU A 98 7.05 -20.09 1.11
CA LEU A 98 7.60 -20.43 2.42
C LEU A 98 7.58 -21.94 2.52
N PRO A 99 8.70 -22.53 3.00
CA PRO A 99 8.65 -23.98 3.15
C PRO A 99 7.74 -24.39 4.31
N LEU A 100 7.08 -25.53 4.15
CA LEU A 100 6.43 -26.19 5.27
C LEU A 100 7.31 -26.16 6.54
N GLY A 101 6.70 -25.77 7.67
CA GLY A 101 7.33 -25.83 8.99
C GLY A 101 8.35 -24.73 9.31
N VAL A 102 8.55 -23.81 8.38
CA VAL A 102 9.58 -22.75 8.50
C VAL A 102 9.55 -21.94 9.81
N PHE A 103 8.37 -21.72 10.37
CA PHE A 103 8.31 -20.93 11.60
C PHE A 103 7.98 -21.78 12.83
N ASP A 104 7.90 -23.12 12.68
CA ASP A 104 7.41 -23.97 13.76
C ASP A 104 8.16 -23.90 15.09
N HIS A 105 9.47 -23.64 15.05
CA HIS A 105 10.26 -23.54 16.29
C HIS A 105 10.15 -22.17 16.97
N LEU A 106 9.48 -21.23 16.32
CA LEU A 106 9.50 -19.85 16.82
C LEU A 106 8.27 -19.62 17.68
N THR A 107 8.12 -20.45 18.73
CA THR A 107 6.81 -20.49 19.41
C THR A 107 6.54 -19.25 20.27
N GLN A 108 7.59 -18.50 20.56
CA GLN A 108 7.51 -17.29 21.38
C GLN A 108 7.42 -16.03 20.51
N LEU A 109 7.28 -16.21 19.20
CA LEU A 109 7.24 -15.07 18.25
C LEU A 109 6.09 -14.12 18.55
N ASP A 110 6.38 -12.82 18.58
CA ASP A 110 5.39 -11.75 18.85
C ASP A 110 5.08 -10.95 17.58
N LYS A 111 6.09 -10.70 16.74
CA LYS A 111 5.88 -9.95 15.48
C LYS A 111 6.57 -10.65 14.33
N LEU A 112 5.83 -10.87 13.22
CA LEU A 112 6.34 -11.49 12.03
C LEU A 112 6.03 -10.57 10.87
N TYR A 113 7.09 -10.07 10.24
CA TYR A 113 6.95 -9.12 9.11
C TYR A 113 7.27 -9.84 7.83
N LEU A 114 6.24 -10.00 7.01
CA LEU A 114 6.37 -10.69 5.72
C LEU A 114 5.94 -9.83 4.49
N GLY A 115 5.73 -8.56 4.73
CA GLY A 115 5.20 -7.67 3.70
C GLY A 115 6.24 -7.39 2.63
N GLY A 116 5.78 -7.11 1.42
CA GLY A 116 6.76 -6.75 0.39
C GLY A 116 7.54 -7.88 -0.19
N ASN A 117 6.93 -9.07 -0.31
CA ASN A 117 7.60 -10.19 -0.95
C ASN A 117 6.83 -10.64 -2.20
N GLN A 118 7.03 -11.87 -2.64
CA GLN A 118 6.39 -12.36 -3.87
C GLN A 118 5.52 -13.56 -3.58
N LEU A 119 5.00 -13.62 -2.34
CA LEU A 119 4.22 -14.77 -1.92
C LEU A 119 2.90 -14.82 -2.67
N LYS A 120 2.64 -15.99 -3.26
CA LYS A 120 1.36 -16.25 -3.95
C LYS A 120 0.42 -17.15 -3.15
N SER A 121 0.98 -17.90 -2.22
CA SER A 121 0.31 -18.90 -1.43
C SER A 121 1.01 -19.02 -0.07
N LEU A 122 0.30 -19.63 0.88
CA LEU A 122 0.90 -20.05 2.14
C LEU A 122 0.58 -21.53 2.40
N PRO A 123 1.56 -22.28 2.90
CA PRO A 123 1.24 -23.66 3.32
C PRO A 123 0.25 -23.70 4.49
N SER A 124 -0.64 -24.71 4.53
CA SER A 124 -1.83 -24.70 5.45
C SER A 124 -1.59 -24.31 6.93
N GLY A 125 -0.68 -24.99 7.60
CA GLY A 125 -0.51 -24.75 9.03
C GLY A 125 0.70 -23.91 9.33
N VAL A 126 1.08 -23.04 8.40
CA VAL A 126 2.37 -22.35 8.47
C VAL A 126 2.48 -21.48 9.73
N PHE A 127 1.33 -20.98 10.21
CA PHE A 127 1.35 -20.12 11.42
C PHE A 127 0.92 -20.83 12.70
N ASP A 128 0.55 -22.11 12.61
CA ASP A 128 -0.09 -22.82 13.73
C ASP A 128 0.65 -22.80 15.09
N ARG A 129 1.97 -22.76 15.08
CA ARG A 129 2.76 -22.84 16.33
C ARG A 129 2.97 -21.49 16.98
N LEU A 130 2.57 -20.45 16.26
CA LEU A 130 2.83 -19.08 16.70
C LEU A 130 1.68 -18.55 17.60
N THR A 131 1.42 -19.26 18.70
CA THR A 131 0.20 -18.99 19.50
C THR A 131 0.24 -17.67 20.28
N LYS A 132 1.41 -17.06 20.41
CA LYS A 132 1.56 -15.82 21.14
C LYS A 132 1.74 -14.64 20.17
N LEU A 133 1.65 -14.91 18.87
CA LEU A 133 1.89 -13.82 17.86
C LEU A 133 0.89 -12.68 18.04
N LYS A 134 1.41 -11.44 18.10
CA LYS A 134 0.55 -10.26 18.15
C LYS A 134 0.43 -9.49 16.86
N GLU A 135 1.49 -9.45 16.04
CA GLU A 135 1.44 -8.81 14.73
C GLU A 135 1.85 -9.71 13.61
N LEU A 136 1.03 -9.75 12.54
CA LEU A 136 1.36 -10.55 11.37
C LEU A 136 1.15 -9.67 10.14
N ARG A 137 2.23 -9.38 9.42
CA ARG A 137 2.10 -8.49 8.26
C ARG A 137 2.36 -9.26 6.99
N LEU A 138 1.35 -9.26 6.14
CA LEU A 138 1.37 -10.02 4.89
C LEU A 138 1.00 -9.14 3.67
N ASN A 139 1.00 -7.84 3.88
CA ASN A 139 0.61 -6.89 2.84
C ASN A 139 1.63 -6.88 1.71
N THR A 140 1.20 -6.49 0.51
CA THR A 140 2.13 -6.26 -0.59
C THR A 140 2.87 -7.51 -0.97
N ASN A 141 2.08 -8.57 -1.13
CA ASN A 141 2.57 -9.78 -1.72
C ASN A 141 1.67 -9.98 -2.95
N GLN A 142 1.52 -11.22 -3.38
CA GLN A 142 0.63 -11.55 -4.51
C GLN A 142 -0.29 -12.71 -4.14
N LEU A 143 -0.75 -12.71 -2.88
CA LEU A 143 -1.54 -13.80 -2.34
C LEU A 143 -2.81 -13.98 -3.13
N GLN A 144 -2.97 -15.20 -3.63
CA GLN A 144 -4.08 -15.60 -4.48
C GLN A 144 -5.21 -16.19 -3.67
N SER A 145 -4.88 -16.72 -2.50
CA SER A 145 -5.89 -17.08 -1.51
C SER A 145 -5.20 -17.25 -0.18
N ILE A 146 -6.03 -17.43 0.84
CA ILE A 146 -5.60 -17.74 2.20
C ILE A 146 -6.14 -19.16 2.45
N PRO A 147 -5.30 -20.06 2.98
CA PRO A 147 -5.73 -21.40 3.33
C PRO A 147 -6.84 -21.35 4.38
N ALA A 148 -7.83 -22.24 4.27
CA ALA A 148 -8.80 -22.38 5.36
C ALA A 148 -8.04 -22.66 6.65
N GLY A 149 -8.47 -22.00 7.72
CA GLY A 149 -7.86 -22.17 9.04
C GLY A 149 -6.54 -21.44 9.28
N ALA A 150 -6.03 -20.67 8.29
CA ALA A 150 -4.64 -20.14 8.35
C ALA A 150 -4.38 -19.44 9.67
N PHE A 151 -5.40 -18.75 10.21
CA PHE A 151 -5.19 -17.88 11.37
C PHE A 151 -5.77 -18.42 12.66
N ASP A 152 -6.32 -19.63 12.60
CA ASP A 152 -7.10 -20.20 13.72
C ASP A 152 -6.37 -20.28 15.04
N LYS A 153 -5.06 -20.57 15.00
CA LYS A 153 -4.27 -20.67 16.26
C LYS A 153 -3.78 -19.35 16.79
N LEU A 154 -3.99 -18.26 16.03
CA LEU A 154 -3.43 -16.97 16.42
C LEU A 154 -4.39 -16.19 17.34
N THR A 155 -4.72 -16.81 18.47
CA THR A 155 -5.67 -16.25 19.43
C THR A 155 -5.22 -14.94 20.11
N ASN A 156 -3.93 -14.60 20.04
CA ASN A 156 -3.32 -13.42 20.65
CA ASN A 156 -3.47 -13.37 20.65
C ASN A 156 -3.21 -12.28 19.64
N LEU A 157 -3.53 -12.56 18.38
CA LEU A 157 -3.26 -11.61 17.30
C LEU A 157 -4.00 -10.30 17.51
N GLN A 158 -3.25 -9.19 17.42
CA GLN A 158 -3.82 -7.84 17.49
C GLN A 158 -3.85 -7.13 16.12
N THR A 159 -2.86 -7.41 15.28
CA THR A 159 -2.76 -6.76 13.96
C THR A 159 -2.50 -7.74 12.87
N LEU A 160 -3.30 -7.64 11.80
CA LEU A 160 -3.17 -8.54 10.63
C LEU A 160 -3.25 -7.69 9.37
N SER A 161 -2.18 -7.69 8.60
CA SER A 161 -2.18 -6.88 7.38
C SER A 161 -2.28 -7.77 6.17
N LEU A 162 -3.32 -7.56 5.37
CA LEU A 162 -3.57 -8.33 4.16
C LEU A 162 -3.73 -7.46 2.91
N SER A 163 -3.44 -6.18 3.02
CA SER A 163 -3.64 -5.22 1.90
C SER A 163 -2.65 -5.43 0.76
N THR A 164 -3.01 -4.97 -0.44
CA THR A 164 -2.13 -5.16 -1.64
C THR A 164 -1.72 -6.59 -1.87
N ASN A 165 -2.72 -7.44 -2.01
CA ASN A 165 -2.50 -8.78 -2.52
C ASN A 165 -3.43 -9.03 -3.72
N GLN A 166 -3.60 -10.30 -4.08
CA GLN A 166 -4.41 -10.71 -5.27
C GLN A 166 -5.64 -11.53 -4.81
N LEU A 167 -6.15 -11.20 -3.62
CA LEU A 167 -7.22 -11.99 -2.97
C LEU A 167 -8.57 -11.72 -3.64
N GLN A 168 -9.29 -12.79 -3.97
CA GLN A 168 -10.65 -12.63 -4.51
C GLN A 168 -11.74 -12.92 -3.45
N SER A 169 -11.31 -13.48 -2.33
CA SER A 169 -12.20 -13.90 -1.24
C SER A 169 -11.36 -14.16 0.00
N VAL A 170 -12.05 -14.33 1.12
CA VAL A 170 -11.42 -14.94 2.30
C VAL A 170 -12.24 -16.18 2.68
N PRO A 171 -11.55 -17.22 3.17
CA PRO A 171 -12.30 -18.46 3.49
C PRO A 171 -13.36 -18.23 4.58
N HIS A 172 -14.48 -18.93 4.47
CA HIS A 172 -15.52 -18.81 5.50
C HIS A 172 -14.91 -18.97 6.90
N GLY A 173 -15.23 -18.05 7.83
CA GLY A 173 -14.71 -18.11 9.21
C GLY A 173 -13.25 -17.74 9.42
N ALA A 174 -12.60 -17.18 8.40
CA ALA A 174 -11.14 -16.86 8.45
C ALA A 174 -10.70 -16.15 9.75
N PHE A 175 -11.54 -15.28 10.30
CA PHE A 175 -11.14 -14.38 11.38
C PHE A 175 -11.81 -14.69 12.72
N ASP A 176 -12.53 -15.80 12.77
CA ASP A 176 -13.42 -16.00 13.91
C ASP A 176 -12.71 -16.29 15.22
N ARG A 177 -11.50 -16.82 15.12
CA ARG A 177 -10.75 -17.12 16.33
C ARG A 177 -9.95 -15.94 16.81
N LEU A 178 -9.94 -14.85 16.04
CA LEU A 178 -9.11 -13.67 16.40
C LEU A 178 -9.74 -12.68 17.41
N GLY A 179 -9.94 -13.16 18.64
CA GLY A 179 -10.73 -12.50 19.69
C GLY A 179 -10.04 -11.25 20.18
N LYS A 180 -8.72 -11.17 20.02
CA LYS A 180 -8.00 -9.97 20.45
C LYS A 180 -7.65 -9.01 19.32
N LEU A 181 -8.19 -9.27 18.12
CA LEU A 181 -7.90 -8.42 16.97
C LEU A 181 -8.31 -6.96 17.16
N GLN A 182 -7.38 -6.06 16.86
CA GLN A 182 -7.58 -4.58 16.91
C GLN A 182 -7.55 -3.93 15.51
N THR A 183 -6.65 -4.39 14.63
CA THR A 183 -6.39 -3.77 13.31
C THR A 183 -6.29 -4.84 12.22
N ILE A 184 -7.09 -4.69 11.17
CA ILE A 184 -6.90 -5.55 9.97
C ILE A 184 -6.86 -4.63 8.75
N THR A 185 -6.02 -4.95 7.78
CA THR A 185 -6.05 -4.17 6.50
C THR A 185 -6.44 -5.09 5.40
N LEU A 186 -7.30 -4.63 4.48
CA LEU A 186 -7.78 -5.51 3.42
C LEU A 186 -7.92 -4.82 2.08
N PHE A 187 -7.59 -3.52 1.99
CA PHE A 187 -7.58 -2.77 0.70
C PHE A 187 -6.64 -3.31 -0.35
N GLY A 188 -6.84 -2.91 -1.63
CA GLY A 188 -5.91 -3.32 -2.67
C GLY A 188 -6.01 -4.75 -3.05
N ASN A 189 -7.15 -5.37 -2.75
CA ASN A 189 -7.39 -6.71 -3.21
C ASN A 189 -8.42 -6.59 -4.31
N GLN A 190 -8.81 -7.70 -4.87
CA GLN A 190 -9.72 -7.71 -6.01
C GLN A 190 -10.89 -8.61 -5.62
N PHE A 191 -11.57 -8.25 -4.53
CA PHE A 191 -12.63 -9.16 -3.99
C PHE A 191 -13.75 -9.34 -5.02
N ASP A 192 -14.21 -10.57 -5.17
CA ASP A 192 -15.24 -10.88 -6.17
C ASP A 192 -16.59 -10.90 -5.45
N CYS A 193 -17.37 -9.83 -5.62
CA CYS A 193 -18.61 -9.68 -4.82
C CYS A 193 -19.77 -10.40 -5.50
N SER A 194 -19.45 -11.12 -6.56
CA SER A 194 -20.48 -11.93 -7.25
C SER A 194 -20.58 -13.37 -6.76
N ARG A 195 -19.67 -13.78 -5.89
CA ARG A 195 -19.55 -15.17 -5.44
C ARG A 195 -19.99 -15.24 -4.00
N CYS A 196 -20.67 -16.34 -3.63
CA CYS A 196 -21.29 -16.46 -2.29
C CYS A 196 -20.29 -16.36 -1.15
N GLU A 197 -19.05 -16.75 -1.45
CA GLU A 197 -17.94 -16.58 -0.56
C GLU A 197 -17.79 -15.16 -0.01
N ILE A 198 -18.27 -14.15 -0.73
CA ILE A 198 -18.11 -12.76 -0.17
C ILE A 198 -18.94 -12.49 1.08
N LEU A 199 -20.01 -13.25 1.30
CA LEU A 199 -20.99 -12.92 2.35
C LEU A 199 -20.37 -13.06 3.74
N TYR A 200 -19.41 -13.97 3.88
CA TYR A 200 -18.73 -14.10 5.15
C TYR A 200 -18.02 -12.80 5.42
N LEU A 201 -17.28 -12.32 4.42
CA LEU A 201 -16.49 -11.12 4.61
C LEU A 201 -17.34 -9.86 4.78
N SER A 202 -18.39 -9.71 3.97
CA SER A 202 -19.24 -8.51 4.12
C SER A 202 -19.86 -8.42 5.53
N GLN A 203 -20.40 -9.54 6.05
CA GLN A 203 -21.02 -9.58 7.40
C GLN A 203 -19.97 -9.32 8.47
N TRP A 204 -18.78 -9.92 8.28
CA TRP A 204 -17.65 -9.68 9.20
C TRP A 204 -17.29 -8.23 9.24
N ILE A 205 -17.16 -7.58 8.08
CA ILE A 205 -16.75 -6.18 8.07
C ILE A 205 -17.83 -5.32 8.77
N ARG A 206 -19.09 -5.65 8.51
CA ARG A 206 -20.19 -4.93 9.20
C ARG A 206 -20.14 -5.00 10.75
N GLU A 207 -19.69 -6.14 11.26
CA GLU A 207 -19.66 -6.43 12.69
C GLU A 207 -18.33 -6.01 13.31
N ASN A 208 -17.35 -5.71 12.47
CA ASN A 208 -16.00 -5.33 12.94
C ASN A 208 -15.41 -4.10 12.26
N SER A 209 -16.25 -3.09 11.91
CA SER A 209 -15.79 -1.97 11.06
C SER A 209 -14.72 -1.14 11.69
N ASN A 210 -14.76 -1.08 13.01
CA ASN A 210 -13.78 -0.31 13.76
C ASN A 210 -12.37 -0.87 13.63
N LYS A 211 -12.27 -2.13 13.23
CA LYS A 211 -10.98 -2.79 13.12
C LYS A 211 -10.33 -2.63 11.75
N VAL A 212 -11.15 -2.28 10.75
CA VAL A 212 -10.71 -2.22 9.38
C VAL A 212 -10.05 -0.87 9.11
N LYS A 213 -8.77 -0.87 8.73
CA LYS A 213 -7.96 0.36 8.65
C LYS A 213 -7.24 0.52 7.33
N ASP A 214 -6.87 1.77 7.03
CA ASP A 214 -6.21 2.10 5.80
C ASP A 214 -4.71 1.99 5.91
N GLU A 222 -9.27 4.45 10.48
CA GLU A 222 -10.36 3.49 10.24
C GLU A 222 -10.94 3.69 8.83
N SER A 223 -11.17 2.61 8.06
CA SER A 223 -11.56 2.79 6.66
C SER A 223 -12.28 1.54 6.13
N PRO A 224 -13.40 1.16 6.78
CA PRO A 224 -14.21 0.01 6.33
C PRO A 224 -14.70 0.11 4.88
N ASP A 225 -14.93 1.33 4.37
CA ASP A 225 -15.53 1.51 3.05
C ASP A 225 -14.44 1.45 1.97
N GLY A 226 -13.20 1.44 2.44
CA GLY A 226 -12.07 1.30 1.57
C GLY A 226 -11.88 -0.09 1.07
N VAL A 227 -12.64 -1.04 1.63
CA VAL A 227 -12.58 -2.42 1.15
C VAL A 227 -13.68 -2.54 0.11
N THR A 228 -13.26 -2.62 -1.14
CA THR A 228 -14.23 -2.59 -2.22
C THR A 228 -14.09 -3.79 -3.15
N CYS A 229 -15.19 -4.09 -3.79
CA CYS A 229 -15.34 -5.20 -4.73
C CYS A 229 -14.60 -4.88 -6.02
N SER A 230 -14.29 -5.90 -6.83
CA SER A 230 -13.67 -5.62 -8.13
C SER A 230 -14.63 -4.80 -9.01
N ASP A 231 -15.93 -4.81 -8.66
CA ASP A 231 -17.00 -4.12 -9.40
C ASP A 231 -17.41 -2.73 -8.88
N GLY A 232 -16.82 -2.28 -7.78
CA GLY A 232 -17.09 -0.93 -7.23
C GLY A 232 -17.96 -0.84 -6.01
N LYS A 233 -18.72 -1.90 -5.75
CA LYS A 233 -19.54 -2.00 -4.58
C LYS A 233 -18.59 -1.98 -3.39
N VAL A 234 -19.00 -1.33 -2.32
CA VAL A 234 -18.30 -1.41 -1.03
C VAL A 234 -18.66 -2.77 -0.43
N VAL A 235 -17.63 -3.56 -0.06
CA VAL A 235 -17.88 -4.93 0.39
C VAL A 235 -18.92 -5.03 1.53
N ARG A 236 -18.85 -4.18 2.57
CA ARG A 236 -19.78 -4.26 3.69
C ARG A 236 -21.24 -3.99 3.32
N THR A 237 -21.46 -3.51 2.09
CA THR A 237 -22.84 -3.29 1.63
C THR A 237 -23.48 -4.55 1.03
N VAL A 238 -22.68 -5.62 0.87
CA VAL A 238 -23.16 -6.80 0.10
C VAL A 238 -23.82 -7.81 1.03
N THR A 239 -25.05 -8.20 0.68
CA THR A 239 -25.86 -9.13 1.46
C THR A 239 -26.33 -10.22 0.51
N ASN A 240 -26.84 -11.32 1.04
CA ASN A 240 -27.46 -12.31 0.15
C ASN A 240 -28.52 -11.67 -0.81
N GLU A 241 -29.25 -10.66 -0.33
CA GLU A 241 -30.25 -9.95 -1.18
C GLU A 241 -29.55 -9.32 -2.40
N THR A 242 -28.38 -8.73 -2.19
CA THR A 242 -27.53 -8.24 -3.30
C THR A 242 -27.31 -9.32 -4.35
N LEU A 243 -27.13 -10.55 -3.89
CA LEU A 243 -26.82 -11.66 -4.77
C LEU A 243 -28.08 -12.41 -5.16
N LYS A 244 -29.21 -11.71 -5.03
CA LYS A 244 -30.50 -12.24 -5.52
C LYS A 244 -30.92 -13.49 -4.75
N TYR A 245 -30.54 -13.54 -3.46
CA TYR A 245 -30.79 -14.66 -2.58
C TYR A 245 -30.23 -16.02 -3.08
N GLU A 246 -29.27 -15.97 -4.01
CA GLU A 246 -28.71 -17.17 -4.67
C GLU A 246 -27.69 -17.97 -3.84
N CYS A 247 -27.33 -17.45 -2.67
CA CYS A 247 -26.43 -18.15 -1.75
C CYS A 247 -27.18 -18.96 -0.68
N CYS B 4 -20.44 33.41 10.72
CA CYS B 4 -19.89 32.20 10.03
C CYS B 4 -20.18 30.89 10.75
N GLU B 5 -19.86 30.82 12.05
CA GLU B 5 -19.96 29.57 12.80
C GLU B 5 -21.40 29.02 12.96
N THR B 6 -22.35 29.92 13.17
CA THR B 6 -23.76 29.53 13.34
C THR B 6 -24.37 29.05 12.01
N VAL B 7 -24.13 29.80 10.95
CA VAL B 7 -24.66 29.47 9.61
C VAL B 7 -24.06 28.19 9.01
N THR B 8 -22.75 28.00 9.16
CA THR B 8 -22.10 26.79 8.65
C THR B 8 -22.17 25.53 9.57
N GLY B 9 -22.06 25.73 10.90
CA GLY B 9 -21.96 24.64 11.89
C GLY B 9 -20.53 24.12 12.11
N CYS B 10 -19.59 24.83 11.50
CA CYS B 10 -18.20 24.46 11.50
C CYS B 10 -17.42 25.50 12.29
N THR B 11 -16.14 25.22 12.55
CA THR B 11 -15.27 26.20 13.19
C THR B 11 -14.77 27.20 12.13
N CYS B 12 -14.82 28.50 12.44
CA CYS B 12 -14.43 29.54 11.50
C CYS B 12 -13.33 30.35 12.11
N ASN B 13 -12.37 30.75 11.29
CA ASN B 13 -11.29 31.59 11.76
C ASN B 13 -11.04 32.63 10.68
N GLU B 14 -11.48 33.87 10.91
CA GLU B 14 -11.46 34.91 9.87
C GLU B 14 -10.02 35.27 9.55
N GLY B 15 -9.18 35.31 10.60
CA GLY B 15 -7.75 35.56 10.49
C GLY B 15 -7.04 34.72 9.43
N LYS B 16 -7.36 33.42 9.43
CA LYS B 16 -6.79 32.51 8.41
C LYS B 16 -7.66 32.37 7.19
N LYS B 17 -8.80 33.05 7.20
CA LYS B 17 -9.81 32.86 6.14
C LYS B 17 -10.12 31.36 6.02
N GLU B 18 -10.38 30.74 7.17
CA GLU B 18 -10.57 29.29 7.25
C GLU B 18 -12.00 28.92 7.68
N VAL B 19 -12.60 27.92 7.02
CA VAL B 19 -13.78 27.24 7.57
C VAL B 19 -13.37 25.78 7.73
N ASP B 20 -13.42 25.30 8.98
CA ASP B 20 -12.96 23.97 9.33
C ASP B 20 -14.12 23.10 9.82
N CYS B 21 -14.54 22.20 8.96
CA CYS B 21 -15.65 21.31 9.29
C CYS B 21 -15.16 19.90 9.55
N GLN B 22 -13.83 19.72 9.69
CA GLN B 22 -13.28 18.36 9.80
C GLN B 22 -13.99 17.53 10.89
N GLY B 23 -14.43 16.33 10.53
CA GLY B 23 -14.98 15.39 11.50
C GLY B 23 -16.44 15.66 11.81
N LYS B 24 -16.99 16.74 11.24
CA LYS B 24 -18.40 17.09 11.52
C LYS B 24 -19.31 16.49 10.48
N SER B 25 -20.41 15.89 10.92
CA SER B 25 -21.29 15.24 9.95
C SER B 25 -22.01 16.32 9.09
N LEU B 26 -21.96 16.16 7.76
CA LEU B 26 -22.61 17.06 6.77
C LEU B 26 -23.45 16.27 5.76
N ASP B 27 -24.65 16.77 5.50
CA ASP B 27 -25.49 16.19 4.43
C ASP B 27 -25.17 16.86 3.09
N SER B 28 -24.50 18.03 3.16
CA SER B 28 -24.06 18.79 1.99
C SER B 28 -23.05 19.83 2.46
N VAL B 29 -22.32 20.43 1.52
CA VAL B 29 -21.46 21.55 1.91
C VAL B 29 -22.33 22.67 2.49
N PRO B 30 -21.94 23.23 3.65
CA PRO B 30 -22.76 24.23 4.31
C PRO B 30 -22.93 25.50 3.48
N SER B 31 -24.01 26.23 3.72
CA SER B 31 -24.19 27.58 3.11
C SER B 31 -23.48 28.51 4.07
N GLY B 32 -23.24 29.74 3.63
CA GLY B 32 -22.68 30.75 4.53
C GLY B 32 -21.15 30.66 4.68
N ILE B 33 -20.50 29.87 3.83
CA ILE B 33 -19.04 29.94 3.74
C ILE B 33 -18.72 31.32 3.16
N PRO B 34 -17.92 32.13 3.89
CA PRO B 34 -17.57 33.47 3.38
C PRO B 34 -16.91 33.42 2.00
N ALA B 35 -17.23 34.41 1.16
CA ALA B 35 -16.76 34.42 -0.22
C ALA B 35 -15.26 34.52 -0.30
N ASP B 36 -14.66 35.07 0.75
CA ASP B 36 -13.23 35.36 0.78
C ASP B 36 -12.45 34.17 1.36
N THR B 37 -13.13 33.05 1.63
CA THR B 37 -12.46 31.90 2.29
C THR B 37 -11.29 31.37 1.45
N GLU B 38 -10.20 31.05 2.16
CA GLU B 38 -9.03 30.46 1.54
C GLU B 38 -8.84 29.00 1.86
N LYS B 39 -9.14 28.59 3.11
CA LYS B 39 -8.85 27.22 3.55
C LYS B 39 -10.17 26.60 3.97
N LEU B 40 -10.59 25.54 3.30
CA LEU B 40 -11.85 24.88 3.62
C LEU B 40 -11.58 23.41 3.88
N ASP B 41 -11.79 22.99 5.13
CA ASP B 41 -11.56 21.60 5.54
C ASP B 41 -12.87 20.84 5.65
N LEU B 42 -13.09 19.92 4.73
CA LEU B 42 -14.32 19.15 4.71
C LEU B 42 -14.01 17.64 4.87
N GLN B 43 -12.86 17.31 5.47
CA GLN B 43 -12.43 15.91 5.55
C GLN B 43 -13.28 15.17 6.61
N SER B 44 -13.58 13.91 6.35
CA SER B 44 -14.41 13.12 7.26
C SER B 44 -15.72 13.81 7.65
N THR B 45 -16.49 14.20 6.65
CA THR B 45 -17.79 14.85 6.88
C THR B 45 -18.95 14.03 6.36
N GLY B 46 -18.62 12.90 5.75
CA GLY B 46 -19.60 12.00 5.12
C GLY B 46 -20.22 12.55 3.86
N LEU B 47 -19.56 13.52 3.19
CA LEU B 47 -20.13 14.00 1.91
C LEU B 47 -20.16 12.93 0.84
N ALA B 48 -21.22 12.91 0.02
CA ALA B 48 -21.38 11.87 -1.01
C ALA B 48 -21.41 12.37 -2.45
N THR B 49 -21.90 13.58 -2.63
CA THR B 49 -22.01 14.15 -4.00
C THR B 49 -21.61 15.61 -3.91
N LEU B 50 -21.07 16.14 -5.02
CA LEU B 50 -20.84 17.57 -5.16
C LEU B 50 -21.32 18.02 -6.54
N SER B 51 -21.70 19.28 -6.65
CA SER B 51 -22.21 19.77 -7.93
C SER B 51 -21.47 21.02 -8.35
N ASP B 52 -21.79 21.49 -9.56
CA ASP B 52 -21.28 22.77 -10.02
C ASP B 52 -21.63 23.94 -9.10
N ALA B 53 -22.67 23.79 -8.26
CA ALA B 53 -23.13 24.85 -7.37
C ALA B 53 -22.37 24.87 -6.05
N THR B 54 -21.69 23.75 -5.76
CA THR B 54 -21.16 23.53 -4.41
C THR B 54 -20.18 24.60 -3.98
N PHE B 55 -19.19 24.87 -4.84
CA PHE B 55 -18.12 25.82 -4.48
C PHE B 55 -18.22 27.06 -5.35
N ARG B 56 -19.35 27.18 -6.06
CA ARG B 56 -19.62 28.38 -6.88
C ARG B 56 -19.29 29.64 -6.07
N GLY B 57 -18.48 30.53 -6.63
CA GLY B 57 -18.17 31.81 -5.99
C GLY B 57 -17.03 31.86 -4.99
N LEU B 58 -16.55 30.68 -4.55
CA LEU B 58 -15.44 30.63 -3.59
C LEU B 58 -14.13 30.79 -4.34
N THR B 59 -13.99 31.95 -5.01
CA THR B 59 -12.91 32.23 -5.95
C THR B 59 -11.56 32.47 -5.32
N LYS B 60 -11.54 32.62 -3.99
CA LYS B 60 -10.31 32.86 -3.23
C LYS B 60 -9.71 31.57 -2.61
N LEU B 61 -10.38 30.46 -2.81
CA LEU B 61 -9.95 29.23 -2.13
C LEU B 61 -8.55 28.80 -2.59
N THR B 62 -7.70 28.51 -1.63
CA THR B 62 -6.35 27.97 -1.95
C THR B 62 -6.09 26.54 -1.42
N TRP B 63 -6.92 26.07 -0.50
CA TRP B 63 -6.71 24.71 0.09
C TRP B 63 -8.05 24.10 0.31
N LEU B 64 -8.31 22.92 -0.27
CA LEU B 64 -9.63 22.30 -0.09
C LEU B 64 -9.40 20.83 0.19
N ASN B 65 -9.87 20.37 1.36
CA ASN B 65 -9.64 18.98 1.73
C ASN B 65 -10.97 18.27 1.83
N LEU B 66 -11.16 17.31 0.92
CA LEU B 66 -12.35 16.47 0.86
C LEU B 66 -11.98 15.00 1.14
N ASP B 67 -10.88 14.81 1.88
CA ASP B 67 -10.35 13.44 2.12
C ASP B 67 -11.32 12.68 3.01
N TYR B 68 -11.39 11.36 2.86
CA TYR B 68 -12.18 10.52 3.81
C TYR B 68 -13.67 10.74 3.81
N ASN B 69 -14.23 11.05 2.64
CA ASN B 69 -15.68 11.15 2.50
C ASN B 69 -16.15 9.98 1.71
N GLN B 70 -17.37 10.04 1.19
CA GLN B 70 -17.87 8.96 0.37
C GLN B 70 -18.21 9.40 -1.03
N LEU B 71 -17.37 10.28 -1.61
CA LEU B 71 -17.61 10.79 -2.94
C LEU B 71 -17.51 9.70 -4.01
N GLN B 72 -18.51 9.56 -4.89
CA GLN B 72 -18.38 8.58 -5.98
C GLN B 72 -18.16 9.12 -7.41
N THR B 73 -18.77 10.26 -7.66
CA THR B 73 -18.61 10.98 -8.92
C THR B 73 -18.52 12.49 -8.63
N LEU B 74 -17.90 13.23 -9.54
CA LEU B 74 -17.86 14.69 -9.43
C LEU B 74 -18.60 15.26 -10.64
N SER B 75 -19.21 16.43 -10.50
CA SER B 75 -19.70 17.12 -11.72
C SER B 75 -18.48 17.68 -12.49
N ALA B 76 -18.63 17.90 -13.80
CA ALA B 76 -17.48 18.33 -14.61
C ALA B 76 -16.97 19.71 -14.19
N GLY B 77 -17.86 20.55 -13.72
CA GLY B 77 -17.48 21.92 -13.35
C GLY B 77 -17.33 22.16 -11.87
N VAL B 78 -17.19 21.09 -11.08
CA VAL B 78 -17.22 21.25 -9.63
C VAL B 78 -16.12 22.17 -9.09
N PHE B 79 -14.94 22.14 -9.72
CA PHE B 79 -13.81 22.98 -9.26
C PHE B 79 -13.55 24.23 -10.13
N ASP B 80 -14.42 24.51 -11.08
CA ASP B 80 -14.08 25.54 -12.09
C ASP B 80 -13.88 26.98 -11.52
N ASP B 81 -14.50 27.32 -10.42
CA ASP B 81 -14.29 28.66 -9.86
C ASP B 81 -13.00 28.78 -9.08
N LEU B 82 -12.34 27.64 -8.85
CA LEU B 82 -11.37 27.62 -7.77
C LEU B 82 -9.99 27.85 -8.35
N THR B 83 -9.81 28.99 -9.04
CA THR B 83 -8.60 29.18 -9.87
C THR B 83 -7.30 29.36 -9.08
N GLU B 84 -7.42 29.72 -7.81
CA GLU B 84 -6.23 29.91 -6.96
C GLU B 84 -5.80 28.63 -6.18
N LEU B 85 -6.50 27.52 -6.40
CA LEU B 85 -6.29 26.35 -5.54
C LEU B 85 -4.84 25.85 -5.65
N GLY B 86 -4.23 25.61 -4.50
CA GLY B 86 -2.89 25.01 -4.41
C GLY B 86 -2.93 23.56 -3.95
N THR B 87 -3.88 23.22 -3.07
CA THR B 87 -4.04 21.81 -2.58
C THR B 87 -5.44 21.32 -2.78
N LEU B 88 -5.56 20.14 -3.40
CA LEU B 88 -6.88 19.51 -3.49
C LEU B 88 -6.76 18.09 -2.90
N GLY B 89 -7.48 17.82 -1.82
CA GLY B 89 -7.42 16.51 -1.17
C GLY B 89 -8.69 15.79 -1.54
N LEU B 90 -8.52 14.68 -2.25
CA LEU B 90 -9.62 13.85 -2.67
C LEU B 90 -9.39 12.37 -2.28
N ALA B 91 -8.47 12.16 -1.38
CA ALA B 91 -7.98 10.83 -1.01
C ALA B 91 -9.00 10.07 -0.19
N ASN B 92 -9.03 8.74 -0.36
CA ASN B 92 -9.91 7.89 0.49
C ASN B 92 -11.39 8.24 0.39
N ASN B 93 -11.84 8.43 -0.86
CA ASN B 93 -13.24 8.53 -1.20
C ASN B 93 -13.63 7.26 -1.96
N GLN B 94 -14.72 7.31 -2.70
CA GLN B 94 -15.12 6.16 -3.52
C GLN B 94 -15.14 6.55 -5.01
N LEU B 95 -14.17 7.39 -5.41
CA LEU B 95 -14.23 7.92 -6.80
C LEU B 95 -13.96 6.87 -7.81
N ALA B 96 -14.94 6.67 -8.69
CA ALA B 96 -14.87 5.65 -9.72
C ALA B 96 -14.38 6.15 -11.08
N SER B 97 -14.26 7.47 -11.21
CA SER B 97 -13.99 8.10 -12.49
C SER B 97 -13.69 9.58 -12.22
N LEU B 98 -13.12 10.25 -13.23
CA LEU B 98 -12.88 11.68 -13.14
C LEU B 98 -13.51 12.26 -14.40
N PRO B 99 -14.25 13.37 -14.25
CA PRO B 99 -14.84 13.99 -15.43
C PRO B 99 -13.75 14.59 -16.34
N LEU B 100 -13.97 14.59 -17.67
CA LEU B 100 -13.06 15.26 -18.62
C LEU B 100 -12.97 16.74 -18.25
N GLY B 101 -11.74 17.26 -18.15
CA GLY B 101 -11.55 18.63 -17.78
C GLY B 101 -11.72 19.01 -16.32
N VAL B 102 -11.98 18.02 -15.43
CA VAL B 102 -12.28 18.37 -14.03
C VAL B 102 -11.25 19.29 -13.30
N PHE B 103 -9.96 19.19 -13.65
CA PHE B 103 -8.92 19.99 -12.98
C PHE B 103 -8.38 21.10 -13.90
N ASP B 104 -9.00 21.30 -15.07
CA ASP B 104 -8.44 22.26 -16.01
C ASP B 104 -8.27 23.70 -15.50
N HIS B 105 -9.17 24.19 -14.63
CA HIS B 105 -9.04 25.56 -14.12
C HIS B 105 -8.00 25.68 -13.02
N LEU B 106 -7.45 24.54 -12.53
CA LEU B 106 -6.68 24.53 -11.29
C LEU B 106 -5.19 24.72 -11.62
N THR B 107 -4.88 25.80 -12.36
CA THR B 107 -3.55 25.94 -12.95
C THR B 107 -2.46 26.25 -11.91
N GLN B 108 -2.87 26.66 -10.71
CA GLN B 108 -1.94 26.91 -9.60
C GLN B 108 -1.74 25.69 -8.69
N LEU B 109 -2.33 24.56 -9.07
CA LEU B 109 -2.32 23.42 -8.16
C LEU B 109 -0.89 22.93 -7.90
N ASP B 110 -0.54 22.72 -6.63
CA ASP B 110 0.79 22.18 -6.22
C ASP B 110 0.70 20.74 -5.73
N LYS B 111 -0.42 20.42 -5.08
CA LYS B 111 -0.67 19.06 -4.59
C LYS B 111 -2.06 18.51 -4.90
N LEU B 112 -2.10 17.30 -5.46
CA LEU B 112 -3.36 16.67 -5.82
C LEU B 112 -3.35 15.25 -5.25
N TYR B 113 -4.23 15.01 -4.29
CA TYR B 113 -4.34 13.71 -3.59
C TYR B 113 -5.50 12.92 -4.08
N LEU B 114 -5.25 11.80 -4.77
CA LEU B 114 -6.30 10.94 -5.29
C LEU B 114 -6.13 9.47 -4.86
N GLY B 115 -5.26 9.21 -3.88
CA GLY B 115 -4.99 7.82 -3.40
C GLY B 115 -6.25 7.27 -2.73
N GLY B 116 -6.39 5.96 -2.76
CA GLY B 116 -7.46 5.31 -2.03
C GLY B 116 -8.85 5.49 -2.61
N ASN B 117 -8.95 5.60 -3.91
CA ASN B 117 -10.24 5.64 -4.57
C ASN B 117 -10.46 4.38 -5.40
N GLN B 118 -11.35 4.45 -6.39
CA GLN B 118 -11.72 3.31 -7.21
C GLN B 118 -11.47 3.58 -8.68
N LEU B 119 -10.46 4.40 -8.97
CA LEU B 119 -10.22 4.82 -10.37
C LEU B 119 -9.75 3.67 -11.24
N LYS B 120 -10.44 3.41 -12.36
CA LYS B 120 -10.06 2.37 -13.32
C LYS B 120 -9.21 2.91 -14.46
N SER B 121 -9.43 4.19 -14.79
CA SER B 121 -8.74 4.85 -15.89
C SER B 121 -8.58 6.32 -15.60
N LEU B 122 -7.83 7.01 -16.45
CA LEU B 122 -7.69 8.47 -16.35
C LEU B 122 -8.08 9.07 -17.72
N PRO B 123 -8.87 10.17 -17.71
CA PRO B 123 -9.19 10.88 -18.96
C PRO B 123 -7.91 11.38 -19.66
N SER B 124 -7.92 11.38 -20.98
CA SER B 124 -6.76 11.91 -21.71
C SER B 124 -6.61 13.39 -21.37
N GLY B 125 -5.37 13.78 -21.06
CA GLY B 125 -5.07 15.18 -20.75
C GLY B 125 -5.57 15.68 -19.40
N VAL B 126 -6.03 14.78 -18.52
CA VAL B 126 -6.60 15.23 -17.26
C VAL B 126 -5.71 16.14 -16.38
N PHE B 127 -4.38 15.99 -16.47
CA PHE B 127 -3.44 16.76 -15.63
C PHE B 127 -2.69 17.84 -16.43
N ASP B 128 -3.09 18.01 -17.71
CA ASP B 128 -2.31 18.85 -18.65
C ASP B 128 -2.21 20.34 -18.30
N ARG B 129 -3.14 20.87 -17.56
CA ARG B 129 -3.04 22.28 -17.18
C ARG B 129 -2.28 22.50 -15.88
N LEU B 130 -1.92 21.39 -15.19
CA LEU B 130 -1.38 21.47 -13.84
C LEU B 130 0.14 21.63 -13.84
N THR B 131 0.65 22.64 -14.52
CA THR B 131 2.12 22.68 -14.74
C THR B 131 2.94 22.98 -13.49
N LYS B 132 2.34 23.54 -12.44
CA LYS B 132 3.00 23.81 -11.16
C LYS B 132 3.01 22.61 -10.19
N LEU B 133 2.36 21.51 -10.59
CA LEU B 133 2.09 20.42 -9.63
C LEU B 133 3.40 19.81 -9.15
N LYS B 134 3.49 19.62 -7.83
CA LYS B 134 4.67 19.03 -7.18
C LYS B 134 4.40 17.63 -6.60
N GLU B 135 3.15 17.36 -6.21
CA GLU B 135 2.79 16.03 -5.71
C GLU B 135 1.55 15.52 -6.41
N LEU B 136 1.62 14.29 -6.91
CA LEU B 136 0.45 13.64 -7.49
C LEU B 136 0.33 12.23 -6.95
N ARG B 137 -0.72 11.99 -6.16
CA ARG B 137 -0.90 10.69 -5.54
C ARG B 137 -2.02 9.97 -6.21
N LEU B 138 -1.68 8.81 -6.78
CA LEU B 138 -2.68 7.97 -7.46
C LEU B 138 -2.63 6.55 -6.94
N ASN B 139 -1.96 6.36 -5.81
CA ASN B 139 -1.76 4.99 -5.27
C ASN B 139 -3.09 4.42 -4.79
N THR B 140 -3.19 3.10 -4.73
CA THR B 140 -4.40 2.49 -4.14
C THR B 140 -5.70 2.87 -4.82
N ASN B 141 -5.70 2.62 -6.14
CA ASN B 141 -6.85 2.71 -6.99
C ASN B 141 -6.92 1.40 -7.74
N GLN B 142 -7.58 1.37 -8.88
CA GLN B 142 -7.66 0.14 -9.66
C GLN B 142 -7.23 0.41 -11.10
N LEU B 143 -6.24 1.29 -11.24
CA LEU B 143 -5.84 1.74 -12.57
C LEU B 143 -5.34 0.61 -13.43
N GLN B 144 -5.99 0.47 -14.59
CA GLN B 144 -5.64 -0.56 -15.55
C GLN B 144 -4.59 -0.11 -16.59
N SER B 145 -4.39 1.19 -16.68
CA SER B 145 -3.35 1.68 -17.57
C SER B 145 -3.29 3.17 -17.38
N ILE B 146 -2.27 3.76 -17.96
CA ILE B 146 -2.11 5.19 -17.97
C ILE B 146 -2.12 5.66 -19.42
N PRO B 147 -2.90 6.71 -19.72
CA PRO B 147 -2.97 7.22 -21.11
C PRO B 147 -1.59 7.73 -21.55
N ALA B 148 -1.23 7.50 -22.81
CA ALA B 148 0.00 8.06 -23.33
C ALA B 148 0.07 9.58 -23.07
N GLY B 149 1.20 10.06 -22.59
CA GLY B 149 1.37 11.48 -22.31
C GLY B 149 0.79 12.04 -21.02
N ALA B 150 0.23 11.19 -20.17
CA ALA B 150 -0.53 11.67 -18.99
C ALA B 150 0.25 12.63 -18.10
N PHE B 151 1.57 12.48 -18.03
CA PHE B 151 2.38 13.26 -17.09
C PHE B 151 3.31 14.28 -17.75
N ASP B 152 3.19 14.37 -19.07
CA ASP B 152 4.12 15.15 -19.89
C ASP B 152 4.20 16.62 -19.49
N LYS B 153 3.10 17.20 -18.99
CA LYS B 153 3.12 18.62 -18.61
C LYS B 153 3.58 18.88 -17.20
N LEU B 154 3.80 17.82 -16.40
CA LEU B 154 4.13 17.94 -14.98
C LEU B 154 5.63 18.09 -14.74
N THR B 155 6.20 19.12 -15.37
CA THR B 155 7.66 19.31 -15.33
C THR B 155 8.22 19.77 -13.97
N ASN B 156 7.35 20.10 -13.02
CA ASN B 156 7.76 20.44 -11.65
C ASN B 156 7.47 19.33 -10.65
N LEU B 157 6.96 18.21 -11.16
CA LEU B 157 6.51 17.16 -10.26
C LEU B 157 7.69 16.55 -9.48
N GLN B 158 7.56 16.46 -8.16
CA GLN B 158 8.57 15.87 -7.27
C GLN B 158 8.18 14.46 -6.85
N THR B 159 6.89 14.23 -6.61
CA THR B 159 6.40 12.95 -6.09
C THR B 159 5.27 12.42 -6.93
N LEU B 160 5.38 11.15 -7.34
CA LEU B 160 4.34 10.51 -8.13
C LEU B 160 4.07 9.14 -7.52
N SER B 161 2.88 8.95 -6.99
CA SER B 161 2.57 7.65 -6.35
C SER B 161 1.69 6.86 -7.28
N LEU B 162 2.14 5.67 -7.69
CA LEU B 162 1.34 4.80 -8.58
C LEU B 162 1.20 3.36 -8.01
N SER B 163 1.61 3.17 -6.77
CA SER B 163 1.53 1.82 -6.14
C SER B 163 0.11 1.31 -5.92
N THR B 164 -0.09 -0.03 -5.77
CA THR B 164 -1.42 -0.63 -5.52
C THR B 164 -2.45 -0.25 -6.52
N ASN B 165 -2.18 -0.58 -7.77
CA ASN B 165 -3.09 -0.38 -8.87
C ASN B 165 -3.18 -1.71 -9.66
N GLN B 166 -3.75 -1.68 -10.85
CA GLN B 166 -3.94 -2.92 -11.62
C GLN B 166 -3.10 -2.78 -12.88
N LEU B 167 -1.96 -2.11 -12.76
CA LEU B 167 -1.17 -1.76 -13.95
C LEU B 167 -0.44 -2.96 -14.50
N GLN B 168 -0.44 -3.10 -15.83
CA GLN B 168 0.30 -4.17 -16.48
C GLN B 168 1.50 -3.63 -17.27
N SER B 169 1.55 -2.30 -17.40
CA SER B 169 2.59 -1.63 -18.20
C SER B 169 2.53 -0.11 -17.94
N VAL B 170 3.52 0.62 -18.43
CA VAL B 170 3.37 2.07 -18.51
C VAL B 170 3.66 2.46 -19.95
N PRO B 171 2.98 3.50 -20.47
CA PRO B 171 3.27 3.88 -21.87
C PRO B 171 4.74 4.32 -22.11
N HIS B 172 5.24 4.00 -23.28
CA HIS B 172 6.59 4.43 -23.64
C HIS B 172 6.77 5.92 -23.38
N GLY B 173 7.85 6.27 -22.70
CA GLY B 173 8.17 7.67 -22.42
C GLY B 173 7.38 8.29 -21.26
N ALA B 174 6.60 7.48 -20.54
CA ALA B 174 5.67 8.04 -19.54
C ALA B 174 6.32 9.09 -18.63
N PHE B 175 7.58 8.86 -18.24
CA PHE B 175 8.24 9.65 -17.18
C PHE B 175 9.30 10.62 -17.68
N ASP B 176 9.44 10.66 -19.00
CA ASP B 176 10.58 11.34 -19.62
C ASP B 176 10.67 12.87 -19.40
N ARG B 177 9.55 13.54 -19.19
CA ARG B 177 9.53 14.98 -18.97
C ARG B 177 9.59 15.38 -17.51
N LEU B 178 9.66 14.38 -16.62
CA LEU B 178 9.58 14.64 -15.20
C LEU B 178 10.98 14.92 -14.62
N GLY B 179 11.58 16.02 -15.05
CA GLY B 179 12.96 16.37 -14.67
C GLY B 179 13.24 16.67 -13.19
N LYS B 180 12.20 17.04 -12.44
CA LYS B 180 12.37 17.34 -11.01
C LYS B 180 11.91 16.22 -10.09
N LEU B 181 11.58 15.06 -10.68
CA LEU B 181 11.10 13.92 -9.89
C LEU B 181 12.13 13.49 -8.85
N GLN B 182 11.66 13.33 -7.62
CA GLN B 182 12.42 12.73 -6.51
C GLN B 182 11.93 11.34 -6.04
N THR B 183 10.62 11.10 -6.08
CA THR B 183 10.01 9.90 -5.52
C THR B 183 8.98 9.35 -6.48
N ILE B 184 9.07 8.07 -6.79
CA ILE B 184 8.01 7.39 -7.51
C ILE B 184 7.67 6.05 -6.81
N THR B 185 6.39 5.70 -6.75
CA THR B 185 6.01 4.39 -6.21
C THR B 185 5.34 3.53 -7.28
N LEU B 186 5.79 2.29 -7.40
CA LEU B 186 5.28 1.41 -8.45
C LEU B 186 4.93 -0.01 -7.99
N PHE B 187 5.20 -0.34 -6.72
CA PHE B 187 4.88 -1.68 -6.18
C PHE B 187 3.38 -2.00 -6.17
N GLY B 188 3.05 -3.30 -6.12
CA GLY B 188 1.68 -3.68 -5.98
C GLY B 188 0.90 -3.56 -7.25
N ASN B 189 1.60 -3.56 -8.40
CA ASN B 189 0.91 -3.63 -9.68
C ASN B 189 1.13 -5.06 -10.20
N GLN B 190 0.76 -5.31 -11.44
CA GLN B 190 0.96 -6.66 -12.00
C GLN B 190 1.59 -6.50 -13.36
N PHE B 191 2.80 -5.96 -13.35
CA PHE B 191 3.51 -5.67 -14.59
C PHE B 191 3.73 -6.92 -15.40
N ASP B 192 3.47 -6.83 -16.70
CA ASP B 192 3.61 -7.98 -17.60
C ASP B 192 4.97 -7.91 -18.27
N CYS B 193 5.91 -8.72 -17.79
CA CYS B 193 7.30 -8.62 -18.25
C CYS B 193 7.58 -9.42 -19.49
N SER B 194 6.52 -9.98 -20.09
CA SER B 194 6.62 -10.81 -21.27
C SER B 194 6.38 -9.96 -22.53
N ARG B 195 5.94 -8.72 -22.33
CA ARG B 195 5.63 -7.85 -23.47
C ARG B 195 6.69 -6.72 -23.63
N CYS B 196 6.95 -6.33 -24.88
CA CYS B 196 7.98 -5.38 -25.22
C CYS B 196 7.80 -4.06 -24.51
N GLU B 197 6.54 -3.72 -24.22
CA GLU B 197 6.26 -2.47 -23.50
C GLU B 197 7.02 -2.39 -22.18
N ILE B 198 7.35 -3.50 -21.55
CA ILE B 198 8.08 -3.43 -20.27
C ILE B 198 9.48 -2.80 -20.36
N LEU B 199 10.12 -2.82 -21.55
CA LEU B 199 11.52 -2.41 -21.65
C LEU B 199 11.72 -0.94 -21.32
N TYR B 200 10.74 -0.11 -21.65
CA TYR B 200 10.85 1.30 -21.29
C TYR B 200 10.94 1.39 -19.77
N LEU B 201 10.08 0.66 -19.07
CA LEU B 201 10.02 0.77 -17.62
C LEU B 201 11.28 0.23 -16.98
N SER B 202 11.69 -0.95 -17.44
CA SER B 202 12.83 -1.67 -16.84
C SER B 202 14.08 -0.83 -16.96
N GLN B 203 14.31 -0.30 -18.15
CA GLN B 203 15.37 0.69 -18.37
C GLN B 203 15.21 1.97 -17.54
N TRP B 204 13.98 2.48 -17.41
CA TRP B 204 13.80 3.71 -16.61
C TRP B 204 14.20 3.41 -15.15
N ILE B 205 13.76 2.24 -14.65
CA ILE B 205 14.01 1.93 -13.23
C ILE B 205 15.52 1.80 -12.97
N ARG B 206 16.21 1.18 -13.92
CA ARG B 206 17.65 0.98 -13.79
C ARG B 206 18.38 2.32 -13.69
N GLU B 207 17.86 3.30 -14.43
CA GLU B 207 18.49 4.61 -14.50
C GLU B 207 17.95 5.61 -13.48
N ASN B 208 16.87 5.26 -12.77
CA ASN B 208 16.29 6.16 -11.76
C ASN B 208 16.03 5.41 -10.46
N SER B 209 16.91 4.45 -10.17
CA SER B 209 16.66 3.52 -9.08
C SER B 209 16.48 4.19 -7.75
N ASN B 210 17.15 5.31 -7.55
CA ASN B 210 17.06 6.02 -6.29
C ASN B 210 15.68 6.66 -6.05
N LYS B 211 14.96 6.88 -7.14
CA LYS B 211 13.63 7.52 -7.06
C LYS B 211 12.55 6.51 -6.67
N VAL B 212 12.82 5.22 -6.89
CA VAL B 212 11.81 4.20 -6.69
C VAL B 212 11.75 3.77 -5.24
N LYS B 213 10.66 4.12 -4.56
CA LYS B 213 10.51 3.90 -3.12
C LYS B 213 9.30 3.07 -2.72
N ASP B 214 9.33 2.57 -1.48
CA ASP B 214 8.28 1.65 -1.03
C ASP B 214 7.24 2.38 -0.20
N GLU B 222 14.03 3.57 -0.30
CA GLU B 222 14.34 3.23 -1.70
C GLU B 222 14.21 1.72 -1.89
N SER B 223 13.55 1.31 -2.98
CA SER B 223 13.18 -0.09 -3.14
C SER B 223 12.89 -0.43 -4.60
N PRO B 224 13.86 -0.22 -5.49
CA PRO B 224 13.72 -0.57 -6.90
C PRO B 224 13.44 -2.05 -7.15
N ASP B 225 13.90 -2.95 -6.28
CA ASP B 225 13.71 -4.38 -6.49
C ASP B 225 12.32 -4.79 -6.06
N GLY B 226 11.62 -3.84 -5.43
CA GLY B 226 10.26 -4.04 -4.96
C GLY B 226 9.20 -3.90 -6.04
N VAL B 227 9.63 -3.56 -7.25
CA VAL B 227 8.71 -3.46 -8.40
C VAL B 227 8.93 -4.76 -9.17
N THR B 228 7.95 -5.63 -9.16
CA THR B 228 8.19 -6.92 -9.81
C THR B 228 7.13 -7.26 -10.83
N CYS B 229 7.48 -8.28 -11.62
CA CYS B 229 6.64 -8.77 -12.70
C CYS B 229 5.54 -9.67 -12.18
N SER B 230 4.54 -9.86 -13.02
CA SER B 230 3.49 -10.82 -12.79
C SER B 230 4.09 -12.23 -12.57
N ASP B 231 5.26 -12.48 -13.17
CA ASP B 231 5.90 -13.81 -13.19
C ASP B 231 7.00 -13.98 -12.14
N GLY B 232 7.25 -12.94 -11.36
CA GLY B 232 8.17 -13.00 -10.24
C GLY B 232 9.51 -12.36 -10.49
N LYS B 233 9.86 -12.13 -11.76
CA LYS B 233 11.08 -11.42 -12.06
C LYS B 233 11.02 -9.97 -11.53
N VAL B 234 12.18 -9.44 -11.15
CA VAL B 234 12.30 -8.04 -10.73
C VAL B 234 12.25 -7.25 -12.01
N VAL B 235 11.35 -6.27 -12.10
CA VAL B 235 11.23 -5.56 -13.37
C VAL B 235 12.57 -5.02 -13.91
N ARG B 236 13.44 -4.42 -13.05
CA ARG B 236 14.70 -3.81 -13.45
CA ARG B 236 14.66 -3.80 -13.56
C ARG B 236 15.74 -4.77 -14.09
N THR B 237 15.46 -6.07 -14.01
CA THR B 237 16.37 -7.09 -14.59
C THR B 237 15.99 -7.47 -16.03
N VAL B 238 14.90 -6.91 -16.53
CA VAL B 238 14.36 -7.31 -17.85
C VAL B 238 15.05 -6.45 -18.88
N THR B 239 15.60 -7.10 -19.91
CA THR B 239 16.22 -6.40 -21.02
C THR B 239 15.75 -7.02 -22.32
N ASN B 240 16.08 -6.40 -23.44
CA ASN B 240 15.75 -7.01 -24.73
C ASN B 240 16.38 -8.40 -24.82
N GLU B 241 17.60 -8.51 -24.31
CA GLU B 241 18.26 -9.82 -24.26
C GLU B 241 17.45 -10.87 -23.48
N THR B 242 17.00 -10.52 -22.27
CA THR B 242 16.03 -11.26 -21.44
C THR B 242 14.81 -11.74 -22.23
N LEU B 243 14.33 -10.84 -23.09
CA LEU B 243 13.18 -11.08 -23.94
C LEU B 243 13.54 -11.70 -25.31
N LYS B 244 14.72 -12.31 -25.39
CA LYS B 244 15.16 -13.07 -26.59
C LYS B 244 15.20 -12.19 -27.84
N TYR B 245 15.55 -10.94 -27.59
CA TYR B 245 15.75 -9.94 -28.63
C TYR B 245 14.53 -9.70 -29.49
N GLU B 246 13.35 -9.90 -28.89
CA GLU B 246 12.10 -9.78 -29.65
C GLU B 246 11.55 -8.39 -29.88
N CYS B 247 12.17 -7.39 -29.24
CA CYS B 247 11.62 -6.02 -29.27
C CYS B 247 12.45 -5.09 -30.12
#